data_2IZT
#
_entry.id   2IZT
#
_cell.length_a   56.433
_cell.length_b   56.433
_cell.length_c   220.266
_cell.angle_alpha   90.00
_cell.angle_beta   90.00
_cell.angle_gamma   120.00
#
_symmetry.space_group_name_H-M   'P 31 2 1'
#
loop_
_entity.id
_entity.type
_entity.pdbx_description
1 polymer 'CASEIN KINASE I ISOFORM GAMMA-3'
2 non-polymer N2-[(1R,2S)-2-AMINOCYCLOHEXYL]-N6-(3-CHLOROPHENYL)-9-ETHYL-9H-PURINE-2,6-DIAMINE
3 non-polymer 'CHLORIDE ION'
4 water water
#
_entity_poly.entity_id   1
_entity_poly.type   'polypeptide(L)'
_entity_poly.pdbx_seq_one_letter_code
;SMGVLMVGPNFRVGKKIGCGNFGELRLGKNLYTNEYVAIKLEPMKSRAPQLHLEYRFYKQLGSGDGIPQVYYFGPCGKYN
AMVLELLGPSLEDLFDLCDRTFSLKTVLMIAIQLISRMEYVHSKNLIYRDVKPENFLIGRPGNKTQQVIHIIDFALAKEY
IDPETKKHIPYREHKSLTGTARYMSINTHLGKEQSRRDDLEALGHMFMYFLRGSLPWQGLKADTLKERYQKIGDTKRATP
IEVLCENFPEMATYLRYVRRLDFFEKPDYDYLRKLFTDLFDRKGYMFDYEYDWIGKQLPTPVGAVQQDPALSSNREAHQH
RDKMQQSKNQ
;
_entity_poly.pdbx_strand_id   A
#
loop_
_chem_comp.id
_chem_comp.type
_chem_comp.name
_chem_comp.formula
23D non-polymer N2-[(1R,2S)-2-AMINOCYCLOHEXYL]-N6-(3-CHLOROPHENYL)-9-ETHYL-9H-PURINE-2,6-DIAMINE 'C19 H24 Cl N7'
CL non-polymer 'CHLORIDE ION' 'Cl -1'
#
# COMPACT_ATOMS: atom_id res chain seq x y z
N LEU A 5 10.67 -27.69 2.15
CA LEU A 5 10.50 -28.05 0.71
C LEU A 5 9.08 -27.70 0.21
N MET A 6 8.02 -28.11 0.91
CA MET A 6 6.66 -28.04 0.34
C MET A 6 5.66 -27.40 1.25
N VAL A 7 4.71 -26.67 0.66
CA VAL A 7 3.61 -26.01 1.37
C VAL A 7 2.32 -26.70 0.95
N GLY A 8 1.67 -27.39 1.89
CA GLY A 8 0.47 -28.15 1.58
C GLY A 8 0.72 -29.26 0.58
N PRO A 9 -0.30 -29.64 -0.21
CA PRO A 9 -0.11 -30.77 -1.11
C PRO A 9 0.90 -30.56 -2.26
N ASN A 10 0.90 -29.35 -2.80
CA ASN A 10 1.29 -29.13 -4.16
C ASN A 10 2.19 -27.94 -4.42
N PHE A 11 2.55 -27.17 -3.39
CA PHE A 11 3.28 -25.94 -3.62
C PHE A 11 4.69 -26.18 -3.22
N ARG A 12 5.60 -26.03 -4.17
CA ARG A 12 6.99 -26.25 -3.93
C ARG A 12 7.59 -24.92 -3.58
N VAL A 13 8.41 -24.91 -2.54
CA VAL A 13 9.09 -23.69 -2.11
C VAL A 13 10.39 -23.48 -2.88
N GLY A 14 10.59 -22.24 -3.34
CA GLY A 14 11.74 -21.91 -4.17
C GLY A 14 12.60 -20.86 -3.52
N LYS A 15 13.46 -20.26 -4.33
CA LYS A 15 14.47 -19.30 -3.85
C LYS A 15 13.84 -18.13 -3.09
N LYS A 16 14.66 -17.50 -2.26
CA LYS A 16 14.31 -16.26 -1.62
C LYS A 16 14.28 -15.19 -2.72
N ILE A 17 13.18 -14.45 -2.74
CA ILE A 17 13.02 -13.30 -3.62
C ILE A 17 12.77 -11.98 -2.86
N GLY A 18 12.44 -12.06 -1.57
CA GLY A 18 12.35 -10.88 -0.67
C GLY A 18 12.55 -11.18 0.83
N CYS A 19 12.64 -10.11 1.63
CA CYS A 19 12.65 -10.19 3.12
C CYS A 19 11.43 -9.50 3.75
N PHE A 22 8.90 -9.45 8.94
CA PHE A 22 8.45 -10.50 9.87
C PHE A 22 8.66 -11.95 9.33
N GLY A 23 9.37 -12.07 8.22
CA GLY A 23 9.70 -13.36 7.62
C GLY A 23 10.33 -13.18 6.25
N GLU A 24 10.18 -14.17 5.39
CA GLU A 24 10.71 -14.04 4.02
C GLU A 24 9.67 -14.40 2.96
N LEU A 25 9.87 -13.83 1.78
CA LEU A 25 9.11 -14.18 0.61
C LEU A 25 9.95 -15.10 -0.29
N ARG A 26 9.32 -16.19 -0.68
CA ARG A 26 9.92 -17.21 -1.53
C ARG A 26 9.19 -17.23 -2.86
N LEU A 27 9.92 -17.50 -3.92
CA LEU A 27 9.31 -17.99 -5.14
C LEU A 27 8.80 -19.43 -4.88
N GLY A 28 7.58 -19.68 -5.32
CA GLY A 28 7.00 -21.01 -5.26
C GLY A 28 6.47 -21.38 -6.62
N LYS A 29 6.23 -22.68 -6.79
CA LYS A 29 5.60 -23.24 -7.98
C LYS A 29 4.49 -24.14 -7.49
N ASN A 30 3.29 -23.94 -8.03
CA ASN A 30 2.23 -24.92 -7.92
C ASN A 30 2.61 -26.05 -8.90
N LEU A 31 2.93 -27.22 -8.37
CA LEU A 31 3.37 -28.32 -9.22
C LEU A 31 2.20 -28.93 -10.01
N TYR A 32 1.02 -28.78 -9.43
CA TYR A 32 -0.19 -29.36 -9.94
C TYR A 32 -0.72 -28.55 -11.14
N THR A 33 -0.33 -27.29 -11.24
CA THR A 33 -0.76 -26.43 -12.33
C THR A 33 0.38 -25.81 -13.15
N ASN A 34 1.60 -25.98 -12.68
CA ASN A 34 2.78 -25.44 -13.35
C ASN A 34 2.77 -23.92 -13.36
N GLU A 35 2.46 -23.33 -12.21
CA GLU A 35 2.30 -21.89 -12.15
C GLU A 35 3.16 -21.41 -11.03
N TYR A 36 3.85 -20.30 -11.23
CA TYR A 36 4.64 -19.74 -10.14
C TYR A 36 3.75 -19.00 -9.16
N VAL A 37 4.16 -18.99 -7.91
CA VAL A 37 3.39 -18.40 -6.82
C VAL A 37 4.37 -17.66 -5.92
N ALA A 38 3.82 -16.81 -5.06
CA ALA A 38 4.54 -16.20 -3.95
C ALA A 38 4.28 -17.01 -2.67
N ILE A 39 5.33 -17.25 -1.90
CA ILE A 39 5.20 -17.96 -0.60
C ILE A 39 5.81 -17.07 0.50
N LYS A 40 4.91 -16.49 1.28
CA LYS A 40 5.31 -15.63 2.37
C LYS A 40 5.45 -16.59 3.55
N LEU A 41 6.64 -16.64 4.14
CA LEU A 41 6.91 -17.52 5.26
C LEU A 41 7.03 -16.71 6.54
N GLU A 42 6.79 -17.39 7.66
CA GLU A 42 6.93 -16.78 8.97
C GLU A 42 7.33 -17.84 9.96
N PRO A 43 8.47 -17.65 10.66
CA PRO A 43 8.82 -18.67 11.62
C PRO A 43 7.66 -18.85 12.59
N MET A 44 7.37 -20.11 12.88
CA MET A 44 6.40 -20.49 13.90
C MET A 44 6.77 -19.97 15.29
N LYS A 45 8.08 -19.85 15.55
CA LYS A 45 8.57 -19.21 16.78
C LYS A 45 8.52 -17.68 16.80
N SER A 46 7.87 -17.06 15.82
CA SER A 46 7.67 -15.61 15.87
C SER A 46 7.03 -15.24 17.21
N ARG A 47 7.63 -14.25 17.88
CA ARG A 47 7.14 -13.80 19.16
C ARG A 47 5.93 -12.87 18.95
N ALA A 48 5.78 -12.33 17.72
CA ALA A 48 4.62 -11.53 17.34
C ALA A 48 4.13 -11.88 15.93
N PRO A 49 3.34 -12.98 15.81
CA PRO A 49 2.90 -13.44 14.50
C PRO A 49 1.98 -12.44 13.79
N GLN A 50 2.15 -12.34 12.48
CA GLN A 50 1.26 -11.55 11.65
C GLN A 50 0.68 -12.34 10.48
N LEU A 51 1.19 -13.55 10.19
CA LEU A 51 0.91 -14.15 8.90
C LEU A 51 -0.54 -14.55 8.82
N HIS A 52 -1.00 -15.28 9.84
CA HIS A 52 -2.39 -15.75 9.93
C HIS A 52 -3.41 -14.59 9.94
N LEU A 53 -3.11 -13.48 10.61
CA LEU A 53 -4.07 -12.38 10.62
C LEU A 53 -4.16 -11.69 9.24
N GLU A 54 -2.99 -11.53 8.60
CA GLU A 54 -2.88 -11.10 7.21
C GLU A 54 -3.67 -11.99 6.23
N TYR A 55 -3.47 -13.30 6.30
CA TYR A 55 -4.31 -14.26 5.55
C TYR A 55 -5.79 -14.01 5.82
N ARG A 56 -6.15 -13.84 7.09
CA ARG A 56 -7.54 -13.62 7.47
C ARG A 56 -8.04 -12.32 6.82
N PHE A 57 -7.21 -11.28 6.78
CA PHE A 57 -7.59 -10.04 6.09
C PHE A 57 -7.70 -10.27 4.59
N TYR A 58 -6.79 -11.06 4.02
CA TYR A 58 -6.89 -11.35 2.61
C TYR A 58 -8.22 -12.03 2.28
N LYS A 59 -8.61 -13.01 3.10
CA LYS A 59 -9.90 -13.70 2.93
C LYS A 59 -11.07 -12.77 3.04
N GLN A 60 -10.99 -11.87 4.02
CA GLN A 60 -11.98 -10.84 4.20
C GLN A 60 -12.07 -9.91 2.97
N LEU A 61 -10.95 -9.64 2.32
CA LEU A 61 -10.93 -8.82 1.11
C LEU A 61 -11.55 -9.55 -0.06
N GLY A 62 -11.38 -10.87 -0.10
CA GLY A 62 -11.92 -11.68 -1.17
C GLY A 62 -11.25 -11.34 -2.50
N SER A 63 -12.02 -11.53 -3.57
CA SER A 63 -11.52 -11.30 -4.93
C SER A 63 -11.88 -9.91 -5.32
N GLY A 64 -10.87 -9.07 -5.44
CA GLY A 64 -11.05 -7.69 -5.86
C GLY A 64 -10.10 -7.37 -6.99
N ASP A 65 -10.42 -6.32 -7.73
CA ASP A 65 -9.49 -5.80 -8.71
C ASP A 65 -8.23 -5.37 -7.94
N GLY A 66 -7.08 -5.92 -8.32
CA GLY A 66 -5.81 -5.51 -7.74
C GLY A 66 -5.50 -6.10 -6.38
N ILE A 67 -6.34 -7.01 -5.91
CA ILE A 67 -6.03 -7.76 -4.67
C ILE A 67 -5.35 -9.07 -5.10
N PRO A 68 -4.17 -9.38 -4.52
CA PRO A 68 -3.51 -10.63 -4.81
C PRO A 68 -4.37 -11.83 -4.42
N GLN A 69 -4.53 -12.76 -5.33
CA GLN A 69 -5.17 -14.02 -5.00
C GLN A 69 -4.38 -14.72 -3.93
N VAL A 70 -5.08 -15.36 -3.00
CA VAL A 70 -4.46 -16.18 -1.97
C VAL A 70 -4.93 -17.63 -2.13
N TYR A 71 -3.99 -18.56 -2.02
CA TYR A 71 -4.18 -19.96 -2.38
C TYR A 71 -4.13 -20.96 -1.23
N TYR A 72 -3.36 -20.68 -0.19
CA TYR A 72 -3.13 -21.65 0.88
CA TYR A 72 -3.14 -21.65 0.88
C TYR A 72 -2.52 -20.90 2.05
N PHE A 73 -2.86 -21.31 3.25
CA PHE A 73 -2.14 -20.91 4.45
C PHE A 73 -1.95 -22.22 5.16
N GLY A 74 -0.69 -22.55 5.43
CA GLY A 74 -0.44 -23.76 6.18
C GLY A 74 0.97 -23.88 6.69
N PRO A 75 1.25 -24.96 7.45
CA PRO A 75 2.59 -25.14 7.97
C PRO A 75 3.63 -25.48 6.89
N CYS A 76 4.83 -24.99 7.09
CA CYS A 76 5.90 -25.26 6.17
C CYS A 76 7.21 -25.51 6.93
N GLY A 77 7.43 -26.76 7.30
CA GLY A 77 8.54 -27.15 8.18
C GLY A 77 8.42 -26.48 9.55
N LYS A 78 9.34 -25.56 9.84
CA LYS A 78 9.28 -24.80 11.07
C LYS A 78 8.82 -23.37 10.82
N TYR A 79 8.18 -23.16 9.66
CA TYR A 79 7.47 -21.93 9.33
C TYR A 79 5.97 -22.14 9.13
N ASN A 80 5.23 -21.03 9.19
CA ASN A 80 3.88 -20.97 8.64
C ASN A 80 3.95 -20.24 7.30
N ALA A 81 3.16 -20.72 6.34
CA ALA A 81 3.29 -20.30 4.95
C ALA A 81 2.01 -19.66 4.45
N MET A 82 2.14 -18.64 3.66
CA MET A 82 0.98 -18.20 2.95
C MET A 82 1.33 -18.13 1.49
N VAL A 83 0.49 -18.79 0.70
CA VAL A 83 0.76 -18.93 -0.70
C VAL A 83 -0.28 -18.04 -1.37
N LEU A 84 0.23 -17.16 -2.21
CA LEU A 84 -0.54 -16.17 -2.89
C LEU A 84 0.01 -15.94 -4.26
N GLU A 85 -0.65 -15.06 -4.98
CA GLU A 85 -0.33 -14.77 -6.36
C GLU A 85 0.97 -13.96 -6.46
N LEU A 86 1.81 -14.41 -7.37
CA LEU A 86 3.12 -13.85 -7.60
C LEU A 86 2.91 -12.61 -8.44
N LEU A 87 3.44 -11.49 -7.96
CA LEU A 87 3.27 -10.20 -8.62
C LEU A 87 4.63 -9.73 -9.10
N GLY A 88 4.64 -8.61 -9.80
CA GLY A 88 5.90 -8.08 -10.31
C GLY A 88 6.55 -7.06 -9.37
N PRO A 89 7.24 -6.08 -9.97
CA PRO A 89 7.90 -5.06 -9.16
C PRO A 89 6.92 -4.14 -8.44
N SER A 90 7.38 -3.59 -7.33
CA SER A 90 6.64 -2.55 -6.61
C SER A 90 6.86 -1.23 -7.30
N LEU A 91 5.98 -0.29 -6.97
CA LEU A 91 6.05 1.08 -7.47
C LEU A 91 7.37 1.70 -7.07
N GLU A 92 7.94 1.32 -5.93
CA GLU A 92 9.25 1.82 -5.51
C GLU A 92 10.39 1.28 -6.36
N ASP A 93 10.31 0.00 -6.72
CA ASP A 93 11.31 -0.63 -7.59
C ASP A 93 11.19 0.08 -8.93
N LEU A 94 9.95 0.27 -9.38
CA LEU A 94 9.70 0.94 -10.63
C LEU A 94 10.07 2.42 -10.55
N PHE A 95 9.73 3.04 -9.42
CA PHE A 95 10.14 4.40 -9.17
C PHE A 95 11.64 4.61 -9.40
N ASP A 96 12.46 3.68 -8.88
CA ASP A 96 13.93 3.68 -9.08
C ASP A 96 14.40 3.53 -10.53
N LEU A 97 13.71 2.69 -11.28
CA LEU A 97 14.00 2.50 -12.71
C LEU A 97 13.64 3.72 -13.52
N CYS A 98 12.71 4.51 -13.00
CA CYS A 98 12.30 5.73 -13.69
C CYS A 98 13.00 6.97 -13.13
N ASP A 99 14.18 6.77 -12.53
CA ASP A 99 15.03 7.85 -12.00
C ASP A 99 14.37 8.67 -10.88
N ARG A 100 13.58 7.98 -10.06
CA ARG A 100 12.90 8.56 -8.88
C ARG A 100 12.14 9.87 -9.15
N THR A 101 11.46 9.92 -10.30
CA THR A 101 10.31 10.81 -10.52
C THR A 101 9.38 10.03 -11.45
N PHE A 102 8.08 10.33 -11.39
CA PHE A 102 7.10 9.84 -12.36
C PHE A 102 6.40 11.07 -12.96
N SER A 103 6.11 10.99 -14.27
CA SER A 103 5.22 11.86 -14.96
C SER A 103 3.92 11.95 -14.19
N LEU A 104 3.22 13.07 -14.36
CA LEU A 104 1.88 13.28 -13.89
C LEU A 104 0.95 12.20 -14.45
N LYS A 105 1.06 11.84 -15.72
CA LYS A 105 0.23 10.73 -16.23
C LYS A 105 0.41 9.40 -15.46
N THR A 106 1.64 8.98 -15.23
CA THR A 106 1.86 7.80 -14.42
C THR A 106 1.23 7.92 -13.06
N VAL A 107 1.40 9.07 -12.42
CA VAL A 107 0.96 9.27 -11.04
C VAL A 107 -0.58 9.28 -11.01
N LEU A 108 -1.19 9.94 -12.00
CA LEU A 108 -2.64 10.01 -12.14
C LEU A 108 -3.23 8.65 -12.41
N MET A 109 -2.57 7.84 -13.23
CA MET A 109 -3.07 6.50 -13.53
C MET A 109 -2.94 5.59 -12.28
N ILE A 110 -1.83 5.72 -11.56
CA ILE A 110 -1.64 5.14 -10.25
C ILE A 110 -2.70 5.58 -9.20
N ALA A 111 -2.94 6.88 -9.11
CA ALA A 111 -3.81 7.50 -8.12
C ALA A 111 -5.27 7.10 -8.35
N ILE A 112 -5.71 7.14 -9.60
CA ILE A 112 -7.07 6.77 -9.97
C ILE A 112 -7.32 5.30 -9.51
N GLN A 113 -6.42 4.42 -9.90
CA GLN A 113 -6.41 3.02 -9.51
C GLN A 113 -6.39 2.83 -8.02
N LEU A 114 -5.53 3.56 -7.30
CA LEU A 114 -5.24 3.18 -5.89
C LEU A 114 -6.27 3.80 -4.95
N ILE A 115 -6.96 4.82 -5.42
CA ILE A 115 -8.16 5.33 -4.73
C ILE A 115 -9.32 4.35 -4.82
N SER A 116 -9.51 3.77 -5.99
CA SER A 116 -10.41 2.63 -6.15
C SER A 116 -9.92 1.41 -5.36
N ARG A 117 -8.63 1.09 -5.36
CA ARG A 117 -8.11 -0.03 -4.54
C ARG A 117 -8.44 0.16 -3.03
N MET A 118 -8.14 1.37 -2.57
CA MET A 118 -8.48 1.84 -1.23
C MET A 118 -10.00 1.94 -0.96
N GLU A 119 -10.76 2.51 -1.88
CA GLU A 119 -12.20 2.37 -1.76
C GLU A 119 -12.67 0.92 -1.53
N TYR A 120 -12.15 -0.01 -2.32
CA TYR A 120 -12.51 -1.42 -2.17
C TYR A 120 -12.14 -1.99 -0.79
N VAL A 121 -10.89 -1.78 -0.37
CA VAL A 121 -10.44 -2.21 0.94
C VAL A 121 -11.41 -1.69 2.00
N HIS A 122 -11.80 -0.43 1.87
CA HIS A 122 -12.68 0.18 2.83
C HIS A 122 -14.09 -0.39 2.77
N SER A 123 -14.49 -0.85 1.59
CA SER A 123 -15.79 -1.46 1.38
C SER A 123 -15.92 -2.80 2.07
N LYS A 124 -14.78 -3.43 2.36
CA LYS A 124 -14.71 -4.67 3.07
C LYS A 124 -14.50 -4.41 4.54
N ASN A 125 -14.81 -3.20 5.01
CA ASN A 125 -14.71 -2.89 6.43
C ASN A 125 -13.29 -2.89 7.01
N LEU A 126 -12.28 -2.81 6.13
CA LEU A 126 -10.90 -2.71 6.53
C LEU A 126 -10.33 -1.35 6.22
N ILE A 127 -9.42 -0.92 7.10
CA ILE A 127 -8.49 0.14 6.81
C ILE A 127 -7.10 -0.48 6.64
N TYR A 128 -6.27 0.16 5.84
CA TYR A 128 -5.07 -0.45 5.32
C TYR A 128 -3.82 -0.15 6.16
N ARG A 129 -3.58 1.12 6.42
CA ARG A 129 -2.60 1.57 7.44
C ARG A 129 -1.12 1.27 7.15
N ASP A 130 -0.83 0.88 5.92
CA ASP A 130 0.53 0.60 5.49
C ASP A 130 0.81 1.05 4.06
N VAL A 131 0.26 2.19 3.68
CA VAL A 131 0.53 2.83 2.40
C VAL A 131 2.02 3.18 2.23
N LYS A 132 2.58 2.76 1.11
CA LYS A 132 3.98 2.95 0.79
C LYS A 132 4.22 2.28 -0.58
N PRO A 133 5.04 2.89 -1.45
CA PRO A 133 5.27 2.47 -2.84
C PRO A 133 5.63 1.00 -2.97
N GLU A 134 6.33 0.51 -1.95
CA GLU A 134 6.80 -0.88 -1.84
C GLU A 134 5.69 -1.91 -1.74
N ASN A 135 4.50 -1.44 -1.35
CA ASN A 135 3.34 -2.29 -1.14
C ASN A 135 2.36 -2.25 -2.29
N PHE A 136 2.75 -1.58 -3.38
CA PHE A 136 1.93 -1.47 -4.58
C PHE A 136 2.74 -2.11 -5.69
N LEU A 137 2.27 -3.26 -6.17
CA LEU A 137 3.04 -4.09 -7.10
C LEU A 137 2.27 -4.20 -8.42
N ILE A 138 2.98 -4.14 -9.54
CA ILE A 138 2.32 -4.36 -10.84
C ILE A 138 2.17 -5.88 -10.95
N GLY A 139 1.32 -6.37 -11.84
CA GLY A 139 1.27 -7.80 -12.10
C GLY A 139 2.53 -8.26 -12.77
N ARG A 140 2.54 -9.51 -13.19
CA ARG A 140 3.75 -10.11 -13.75
C ARG A 140 4.03 -9.73 -15.22
N PRO A 141 5.33 -9.67 -15.59
CA PRO A 141 5.82 -9.11 -16.85
C PRO A 141 5.06 -9.45 -18.13
N GLY A 142 4.28 -10.51 -18.13
CA GLY A 142 3.52 -10.87 -19.31
C GLY A 142 2.05 -11.08 -19.08
N ASN A 143 1.68 -11.26 -17.81
CA ASN A 143 0.33 -11.66 -17.40
C ASN A 143 -0.74 -10.68 -17.85
N LYS A 144 -2.01 -11.11 -17.78
CA LYS A 144 -3.12 -10.20 -18.09
C LYS A 144 -3.18 -8.98 -17.15
N THR A 145 -2.34 -8.96 -16.12
CA THR A 145 -2.42 -8.01 -14.99
C THR A 145 -1.16 -7.15 -14.78
N GLN A 146 -0.21 -7.15 -15.71
CA GLN A 146 1.01 -6.37 -15.52
C GLN A 146 0.71 -4.87 -15.39
N GLN A 147 -0.35 -4.44 -16.03
CA GLN A 147 -0.81 -3.05 -15.98
C GLN A 147 -1.47 -2.69 -14.64
N VAL A 148 -2.09 -3.66 -13.97
CA VAL A 148 -2.82 -3.44 -12.73
C VAL A 148 -1.86 -3.22 -11.54
N ILE A 149 -2.11 -2.15 -10.80
CA ILE A 149 -1.40 -1.92 -9.55
C ILE A 149 -2.24 -2.57 -8.51
N HIS A 150 -1.58 -3.49 -7.81
CA HIS A 150 -2.07 -4.32 -6.76
C HIS A 150 -1.61 -3.80 -5.42
N ILE A 151 -2.43 -3.97 -4.43
CA ILE A 151 -2.09 -3.59 -3.06
C ILE A 151 -1.74 -4.90 -2.39
N ILE A 152 -0.62 -4.94 -1.66
CA ILE A 152 -0.17 -6.12 -0.90
C ILE A 152 0.11 -5.75 0.57
N ASP A 153 0.40 -6.77 1.37
CA ASP A 153 0.87 -6.63 2.76
C ASP A 153 -0.22 -6.09 3.64
N PHE A 154 -1.11 -6.97 4.07
CA PHE A 154 -2.22 -6.55 4.89
C PHE A 154 -1.98 -6.75 6.39
N ALA A 155 -0.71 -6.92 6.77
CA ALA A 155 -0.32 -7.27 8.13
C ALA A 155 -0.71 -6.18 9.11
N LEU A 156 -0.82 -4.94 8.64
CA LEU A 156 -1.09 -3.80 9.49
C LEU A 156 -2.52 -3.28 9.38
N ALA A 157 -3.38 -4.05 8.71
CA ALA A 157 -4.76 -3.64 8.48
C ALA A 157 -5.60 -3.77 9.75
N LYS A 158 -6.78 -3.18 9.72
CA LYS A 158 -7.68 -3.22 10.87
C LYS A 158 -9.08 -3.16 10.35
N GLU A 159 -9.96 -3.89 11.02
CA GLU A 159 -11.38 -3.79 10.78
C GLU A 159 -11.83 -2.48 11.44
N TYR A 160 -12.22 -1.49 10.65
CA TYR A 160 -12.63 -0.18 11.18
C TYR A 160 -14.15 -0.13 11.44
N ILE A 161 -14.87 -1.19 11.03
CA ILE A 161 -16.23 -1.40 11.45
C ILE A 161 -16.26 -2.65 12.31
N ASP A 162 -16.72 -2.52 13.54
CA ASP A 162 -16.85 -3.65 14.44
C ASP A 162 -17.92 -4.60 13.93
N PRO A 163 -17.55 -5.88 13.75
CA PRO A 163 -18.45 -6.89 13.19
C PRO A 163 -19.81 -7.03 13.89
N GLU A 164 -19.82 -7.12 15.23
CA GLU A 164 -21.09 -7.31 15.96
C GLU A 164 -21.97 -6.07 15.85
N THR A 165 -21.45 -4.96 16.38
CA THR A 165 -22.20 -3.70 16.48
C THR A 165 -22.48 -3.05 15.12
N LYS A 166 -21.67 -3.37 14.11
CA LYS A 166 -21.70 -2.70 12.79
C LYS A 166 -21.43 -1.18 12.89
N LYS A 167 -20.72 -0.79 13.95
CA LYS A 167 -20.36 0.61 14.18
C LYS A 167 -18.91 0.85 13.77
N HIS A 168 -18.65 2.03 13.25
CA HIS A 168 -17.28 2.49 13.08
C HIS A 168 -16.50 2.36 14.40
N ILE A 169 -15.21 2.02 14.33
CA ILE A 169 -14.41 1.91 15.54
C ILE A 169 -14.43 3.27 16.22
N PRO A 170 -14.38 3.31 17.58
CA PRO A 170 -14.41 4.60 18.26
C PRO A 170 -13.13 5.40 17.99
N TYR A 171 -13.21 6.72 18.14
CA TYR A 171 -12.03 7.53 18.09
C TYR A 171 -11.20 7.28 19.34
N ARG A 172 -9.89 7.25 19.17
CA ARG A 172 -8.96 7.30 20.29
C ARG A 172 -7.59 7.81 19.87
N GLU A 173 -6.77 8.06 20.88
CA GLU A 173 -5.43 8.55 20.72
C GLU A 173 -4.44 7.62 21.42
N HIS A 174 -3.23 8.13 21.69
CA HIS A 174 -2.14 7.35 22.32
C HIS A 174 -1.98 6.00 21.62
N LYS A 175 -2.19 6.02 20.30
CA LYS A 175 -1.84 4.88 19.45
C LYS A 175 -0.35 5.00 19.09
N SER A 176 0.46 4.01 19.50
N SER A 176 0.40 3.93 19.41
CA SER A 176 1.92 4.07 19.32
CA SER A 176 1.73 3.67 18.85
C SER A 176 2.29 3.94 17.83
C SER A 176 1.62 3.61 17.33
N LEU A 177 3.39 4.55 17.45
N LEU A 177 2.47 4.37 16.65
CA LEU A 177 3.78 4.64 16.05
CA LEU A 177 2.20 4.72 15.26
C LEU A 177 4.79 3.55 15.72
C LEU A 177 2.31 3.53 14.32
N THR A 178 4.60 2.86 14.59
N THR A 178 1.21 3.25 13.63
CA THR A 178 5.46 1.71 14.23
CA THR A 178 1.18 2.19 12.62
C THR A 178 5.81 1.58 12.75
C THR A 178 1.48 2.79 11.26
N GLY A 179 4.94 2.05 11.88
N GLY A 179 2.57 2.32 10.64
CA GLY A 179 5.12 1.79 10.46
CA GLY A 179 2.91 2.72 9.29
C GLY A 179 6.09 2.75 9.77
C GLY A 179 4.24 3.42 9.24
N THR A 180 5.81 2.99 8.50
N THR A 180 4.87 3.38 8.06
CA THR A 180 6.52 3.98 7.69
CA THR A 180 6.20 3.99 7.87
C THR A 180 6.00 5.37 8.01
C THR A 180 6.02 5.49 7.76
N ALA A 181 6.92 6.23 8.41
CA ALA A 181 6.66 7.61 8.78
C ALA A 181 6.53 8.56 7.61
N ARG A 182 7.10 8.18 6.47
CA ARG A 182 7.28 9.10 5.34
C ARG A 182 5.94 9.45 4.70
N TYR A 183 5.02 8.51 4.63
CA TYR A 183 3.75 8.79 4.00
C TYR A 183 2.61 8.91 4.98
N MET A 184 2.83 8.64 6.26
CA MET A 184 1.72 8.59 7.22
C MET A 184 1.09 9.97 7.39
N SER A 185 -0.22 9.93 7.58
CA SER A 185 -1.01 11.10 7.84
C SER A 185 -0.50 11.88 9.05
N ILE A 186 -0.87 13.15 9.08
CA ILE A 186 -0.52 14.02 10.16
C ILE A 186 -1.16 13.53 11.43
N ASN A 187 -2.43 13.15 11.33
CA ASN A 187 -3.11 12.55 12.47
C ASN A 187 -2.51 11.25 12.95
N THR A 188 -1.92 10.42 12.07
CA THR A 188 -1.21 9.23 12.55
C THR A 188 -0.05 9.65 13.45
N HIS A 189 0.75 10.60 12.97
CA HIS A 189 1.78 11.27 13.77
C HIS A 189 1.30 11.73 15.17
N LEU A 190 0.09 12.31 15.24
CA LEU A 190 -0.50 12.77 16.53
C LEU A 190 -1.01 11.65 17.42
N GLY A 191 -0.73 10.40 17.08
CA GLY A 191 -1.16 9.23 17.87
C GLY A 191 -2.63 8.90 17.77
N LYS A 192 -3.30 9.49 16.78
CA LYS A 192 -4.72 9.24 16.62
C LYS A 192 -4.97 7.85 15.99
N GLU A 193 -6.11 7.28 16.35
CA GLU A 193 -6.63 6.12 15.69
C GLU A 193 -6.79 6.46 14.21
N GLN A 194 -6.16 5.62 13.39
CA GLN A 194 -6.27 5.73 11.98
C GLN A 194 -7.62 5.25 11.50
N SER A 195 -8.15 5.99 10.51
CA SER A 195 -9.37 5.60 9.82
C SER A 195 -9.14 5.68 8.31
N ARG A 196 -10.25 5.72 7.57
CA ARG A 196 -10.23 5.66 6.14
C ARG A 196 -9.52 6.86 5.56
N ARG A 197 -9.74 8.02 6.18
CA ARG A 197 -9.08 9.24 5.78
C ARG A 197 -7.55 9.12 5.71
N ASP A 198 -6.96 8.33 6.61
CA ASP A 198 -5.50 8.28 6.80
C ASP A 198 -4.82 7.46 5.70
N ASP A 199 -5.56 6.47 5.20
CA ASP A 199 -5.12 5.67 4.05
C ASP A 199 -5.03 6.59 2.83
N LEU A 200 -6.02 7.46 2.73
CA LEU A 200 -6.18 8.30 1.59
C LEU A 200 -5.19 9.46 1.62
N GLU A 201 -4.89 9.98 2.81
CA GLU A 201 -3.88 11.02 2.95
C GLU A 201 -2.47 10.48 2.65
N ALA A 202 -2.19 9.29 3.16
CA ALA A 202 -0.90 8.61 2.95
C ALA A 202 -0.64 8.35 1.50
N LEU A 203 -1.71 8.09 0.76
CA LEU A 203 -1.68 7.93 -0.69
C LEU A 203 -1.27 9.23 -1.35
N GLY A 204 -1.89 10.31 -0.90
CA GLY A 204 -1.61 11.66 -1.37
C GLY A 204 -0.17 12.03 -1.16
N HIS A 205 0.36 11.72 0.02
CA HIS A 205 1.79 11.92 0.30
C HIS A 205 2.66 11.16 -0.70
N MET A 206 2.31 9.91 -0.98
CA MET A 206 3.05 9.07 -1.89
C MET A 206 2.91 9.56 -3.32
N PHE A 207 1.73 10.00 -3.71
CA PHE A 207 1.55 10.62 -5.03
C PHE A 207 2.51 11.81 -5.18
N MET A 208 2.60 12.64 -4.14
CA MET A 208 3.52 13.77 -4.12
C MET A 208 4.99 13.37 -4.13
N TYR A 209 5.31 12.31 -3.40
CA TYR A 209 6.65 11.71 -3.41
C TYR A 209 7.04 11.33 -4.82
N PHE A 210 6.15 10.63 -5.51
CA PHE A 210 6.36 10.27 -6.92
C PHE A 210 6.52 11.46 -7.88
N LEU A 211 5.68 12.49 -7.71
CA LEU A 211 5.73 13.68 -8.57
C LEU A 211 7.00 14.55 -8.35
N ARG A 212 7.35 14.70 -7.08
CA ARG A 212 8.43 15.58 -6.67
C ARG A 212 9.76 14.87 -6.71
N GLY A 213 9.73 13.53 -6.63
CA GLY A 213 10.95 12.76 -6.48
C GLY A 213 11.32 12.52 -5.02
N SER A 214 10.83 13.37 -4.14
CA SER A 214 11.07 13.27 -2.73
C SER A 214 9.99 14.06 -1.98
N LEU A 215 9.93 13.87 -0.67
CA LEU A 215 9.09 14.68 0.20
C LEU A 215 10.05 15.44 1.12
N PRO A 216 9.64 16.64 1.57
CA PRO A 216 10.50 17.52 2.37
C PRO A 216 10.77 17.13 3.81
N TRP A 217 10.31 15.97 4.23
CA TRP A 217 10.50 15.48 5.60
C TRP A 217 11.19 14.11 5.58
N GLN A 218 11.65 13.74 4.40
CA GLN A 218 12.09 12.40 4.10
C GLN A 218 13.52 12.15 4.62
N GLY A 219 14.30 13.20 4.83
CA GLY A 219 15.66 13.03 5.35
C GLY A 219 15.81 13.10 6.86
N LEU A 220 14.72 13.42 7.55
CA LEU A 220 14.78 13.74 8.98
C LEU A 220 15.16 12.52 9.82
N LYS A 221 16.17 12.71 10.68
CA LYS A 221 16.68 11.70 11.60
C LYS A 221 16.55 12.21 13.05
N ALA A 222 16.35 11.31 13.99
CA ALA A 222 16.39 11.66 15.41
C ALA A 222 17.00 10.52 16.22
N ASP A 223 17.36 10.81 17.47
CA ASP A 223 18.06 9.83 18.32
C ASP A 223 17.19 8.65 18.76
N THR A 224 15.89 8.89 18.94
CA THR A 224 14.91 7.82 19.10
C THR A 224 14.01 7.80 17.86
N LEU A 225 13.22 6.75 17.71
CA LEU A 225 12.30 6.68 16.57
C LEU A 225 11.02 7.49 16.86
N LYS A 226 10.62 7.49 18.13
CA LYS A 226 9.51 8.34 18.58
C LYS A 226 9.77 9.80 18.22
N GLU A 227 10.98 10.28 18.50
CA GLU A 227 11.37 11.67 18.19
C GLU A 227 11.48 11.92 16.70
N ARG A 228 11.88 10.92 15.94
CA ARG A 228 11.95 11.04 14.50
C ARG A 228 10.56 11.17 13.90
N TYR A 229 9.63 10.31 14.29
CA TYR A 229 8.23 10.46 13.90
C TYR A 229 7.78 11.91 14.20
N GLN A 230 8.19 12.46 15.34
CA GLN A 230 7.78 13.78 15.79
C GLN A 230 8.29 14.84 14.84
N LYS A 231 9.59 14.79 14.55
CA LYS A 231 10.25 15.70 13.59
C LYS A 231 9.58 15.65 12.23
N ILE A 232 9.35 14.44 11.74
CA ILE A 232 8.70 14.25 10.46
C ILE A 232 7.27 14.81 10.49
N GLY A 233 6.59 14.61 11.61
CA GLY A 233 5.22 15.07 11.76
C GLY A 233 5.20 16.58 11.81
N ASP A 234 6.16 17.16 12.53
CA ASP A 234 6.28 18.62 12.65
C ASP A 234 6.50 19.24 11.28
N THR A 235 7.43 18.65 10.52
CA THR A 235 7.70 19.08 9.14
C THR A 235 6.47 18.91 8.24
N LYS A 236 5.72 17.80 8.39
CA LYS A 236 4.44 17.65 7.67
C LYS A 236 3.51 18.84 8.01
N ARG A 237 3.24 19.06 9.30
CA ARG A 237 2.39 20.20 9.71
C ARG A 237 2.91 21.56 9.21
N ALA A 238 4.23 21.74 9.19
CA ALA A 238 4.90 23.03 8.83
C ALA A 238 5.08 23.23 7.32
N THR A 239 4.73 22.21 6.55
CA THR A 239 4.81 22.29 5.09
C THR A 239 3.39 22.51 4.54
N PRO A 240 3.07 23.77 4.16
CA PRO A 240 1.76 24.04 3.60
C PRO A 240 1.48 23.17 2.38
N ILE A 241 0.30 22.53 2.34
CA ILE A 241 -0.13 21.75 1.18
C ILE A 241 0.19 22.50 -0.13
N GLU A 242 0.00 23.83 -0.14
CA GLU A 242 0.21 24.70 -1.30
C GLU A 242 1.67 24.76 -1.78
N VAL A 243 2.58 24.62 -0.84
CA VAL A 243 4.00 24.53 -1.13
C VAL A 243 4.38 23.08 -1.52
N LEU A 244 3.91 22.12 -0.73
CA LEU A 244 4.16 20.70 -1.05
C LEU A 244 3.64 20.37 -2.46
N CYS A 245 2.47 20.92 -2.80
CA CYS A 245 1.78 20.65 -4.06
C CYS A 245 1.82 21.78 -5.10
N GLU A 246 2.85 22.63 -5.03
CA GLU A 246 3.04 23.69 -6.02
C GLU A 246 3.21 23.08 -7.43
N ASN A 247 2.42 23.55 -8.39
CA ASN A 247 2.41 22.98 -9.74
C ASN A 247 1.44 21.82 -9.88
N PHE A 248 0.88 21.35 -8.75
CA PHE A 248 -0.09 20.30 -8.77
C PHE A 248 -1.36 20.68 -7.99
N PRO A 249 -2.14 21.65 -8.52
CA PRO A 249 -3.35 22.14 -7.87
C PRO A 249 -4.34 21.06 -7.40
N GLU A 250 -4.67 20.11 -8.26
CA GLU A 250 -5.61 19.01 -7.86
C GLU A 250 -5.03 18.10 -6.77
N MET A 251 -3.72 18.00 -6.72
CA MET A 251 -3.06 17.28 -5.65
C MET A 251 -3.20 18.00 -4.29
N ALA A 252 -3.07 19.32 -4.30
CA ALA A 252 -3.31 20.13 -3.10
C ALA A 252 -4.77 20.01 -2.71
N THR A 253 -5.66 20.12 -3.70
CA THR A 253 -7.10 19.94 -3.45
C THR A 253 -7.36 18.55 -2.85
N TYR A 254 -6.76 17.53 -3.43
CA TYR A 254 -6.92 16.19 -2.89
C TYR A 254 -6.44 16.12 -1.43
N LEU A 255 -5.26 16.68 -1.17
CA LEU A 255 -4.66 16.55 0.15
C LEU A 255 -5.43 17.34 1.21
N ARG A 256 -5.91 18.53 0.88
CA ARG A 256 -6.73 19.31 1.83
C ARG A 256 -8.00 18.56 2.19
N TYR A 257 -8.61 17.98 1.17
CA TYR A 257 -9.84 17.25 1.36
C TYR A 257 -9.62 16.12 2.33
N VAL A 258 -8.62 15.29 2.05
CA VAL A 258 -8.37 14.10 2.88
C VAL A 258 -7.88 14.51 4.27
N ARG A 259 -7.13 15.61 4.36
CA ARG A 259 -6.68 16.11 5.65
C ARG A 259 -7.82 16.64 6.51
N ARG A 260 -8.90 17.07 5.88
CA ARG A 260 -10.07 17.65 6.56
C ARG A 260 -11.20 16.68 6.86
N LEU A 261 -11.08 15.46 6.34
CA LEU A 261 -12.01 14.41 6.64
C LEU A 261 -12.12 14.22 8.15
N ASP A 262 -13.35 14.11 8.62
CA ASP A 262 -13.64 13.70 9.99
C ASP A 262 -13.10 12.25 10.17
N PHE A 263 -12.81 11.86 11.40
CA PHE A 263 -12.36 10.51 11.72
C PHE A 263 -13.29 9.40 11.19
N PHE A 264 -14.59 9.65 11.29
CA PHE A 264 -15.61 8.67 10.97
C PHE A 264 -16.09 8.76 9.55
N GLU A 265 -15.84 9.91 8.92
CA GLU A 265 -16.35 10.22 7.59
C GLU A 265 -15.96 9.23 6.53
N LYS A 266 -16.94 8.72 5.78
CA LYS A 266 -16.67 8.00 4.52
C LYS A 266 -16.15 8.97 3.51
N PRO A 267 -14.92 8.74 3.00
CA PRO A 267 -14.44 9.63 1.97
C PRO A 267 -15.27 9.59 0.68
N ASP A 268 -15.38 10.73 0.03
CA ASP A 268 -15.98 10.78 -1.30
C ASP A 268 -14.91 10.39 -2.33
N TYR A 269 -14.79 9.09 -2.53
CA TYR A 269 -13.89 8.51 -3.49
C TYR A 269 -14.16 9.02 -4.89
N ASP A 270 -15.44 9.15 -5.26
CA ASP A 270 -15.78 9.58 -6.61
C ASP A 270 -15.24 10.96 -6.92
N TYR A 271 -15.34 11.87 -5.96
CA TYR A 271 -14.90 13.25 -6.09
C TYR A 271 -13.39 13.30 -6.32
N LEU A 272 -12.67 12.56 -5.52
CA LEU A 272 -11.22 12.49 -5.54
C LEU A 272 -10.73 11.89 -6.85
N ARG A 273 -11.31 10.77 -7.23
CA ARG A 273 -11.02 10.16 -8.54
C ARG A 273 -11.31 11.18 -9.67
N LYS A 274 -12.43 11.90 -9.60
CA LYS A 274 -12.79 12.89 -10.61
C LYS A 274 -11.86 14.13 -10.60
N LEU A 275 -11.36 14.52 -9.43
CA LEU A 275 -10.29 15.54 -9.38
C LEU A 275 -9.21 15.12 -10.39
N PHE A 276 -8.85 13.85 -10.32
CA PHE A 276 -7.75 13.36 -11.12
C PHE A 276 -8.10 12.96 -12.54
N THR A 277 -9.27 12.35 -12.75
CA THR A 277 -9.69 12.08 -14.13
C THR A 277 -10.00 13.35 -14.92
N ASP A 278 -10.49 14.41 -14.28
CA ASP A 278 -10.65 15.70 -14.95
C ASP A 278 -9.29 16.26 -15.28
N LEU A 279 -8.36 16.27 -14.34
CA LEU A 279 -6.97 16.67 -14.62
C LEU A 279 -6.45 15.93 -15.86
N PHE A 280 -6.52 14.62 -15.77
CA PHE A 280 -6.04 13.68 -16.77
C PHE A 280 -6.54 14.00 -18.17
N ASP A 281 -7.85 14.12 -18.30
CA ASP A 281 -8.55 14.61 -19.50
C ASP A 281 -8.03 15.97 -19.97
N ARG A 282 -8.04 16.92 -19.05
CA ARG A 282 -7.70 18.30 -19.35
C ARG A 282 -6.26 18.44 -19.93
N LYS A 283 -5.34 17.63 -19.38
CA LYS A 283 -3.94 17.56 -19.78
C LYS A 283 -3.75 16.83 -21.09
N GLY A 284 -4.79 16.15 -21.54
CA GLY A 284 -4.81 15.48 -22.83
C GLY A 284 -4.35 14.04 -22.74
N TYR A 285 -4.31 13.52 -21.52
CA TYR A 285 -3.82 12.17 -21.30
C TYR A 285 -4.84 11.09 -21.69
N MET A 286 -4.30 9.99 -22.17
CA MET A 286 -5.06 8.79 -22.40
C MET A 286 -4.66 7.68 -21.40
N PHE A 287 -5.67 7.12 -20.77
CA PHE A 287 -5.45 6.04 -19.81
C PHE A 287 -5.20 4.78 -20.62
N ASP A 288 -3.92 4.52 -20.90
CA ASP A 288 -3.52 3.47 -21.82
C ASP A 288 -2.50 2.59 -21.15
N TYR A 289 -2.42 2.72 -19.82
CA TYR A 289 -1.47 1.99 -18.99
C TYR A 289 -0.04 2.14 -19.50
N GLU A 290 0.21 3.18 -20.26
CA GLU A 290 1.56 3.41 -20.74
C GLU A 290 2.27 4.19 -19.65
N TYR A 291 2.71 3.47 -18.62
CA TYR A 291 3.36 4.09 -17.49
C TYR A 291 4.79 4.39 -17.86
N ASP A 292 5.45 5.22 -17.05
CA ASP A 292 6.86 5.63 -17.32
C ASP A 292 7.82 4.49 -17.52
N TRP A 293 7.61 3.43 -16.77
CA TRP A 293 8.49 2.27 -16.84
C TRP A 293 8.22 1.33 -18.02
N ILE A 294 7.22 1.62 -18.83
CA ILE A 294 7.03 0.77 -20.02
C ILE A 294 8.23 0.91 -20.97
N GLY A 295 8.66 -0.23 -21.51
CA GLY A 295 9.87 -0.27 -22.31
C GLY A 295 11.15 -0.10 -21.50
N LYS A 296 11.10 -0.46 -20.22
CA LYS A 296 12.31 -0.57 -19.42
C LYS A 296 12.57 -2.01 -19.13
N GLN A 297 13.80 -2.33 -18.74
CA GLN A 297 14.07 -3.69 -18.25
C GLN A 297 13.61 -3.79 -16.79
N LEU A 298 12.45 -4.41 -16.61
CA LEU A 298 11.87 -4.59 -15.29
C LEU A 298 12.38 -5.92 -14.73
N PRO A 299 12.67 -5.95 -13.42
CA PRO A 299 13.04 -7.22 -12.79
C PRO A 299 11.93 -8.28 -12.83
N THR A 300 12.32 -9.54 -12.62
CA THR A 300 11.40 -10.66 -12.58
C THR A 300 11.57 -11.39 -11.25
N PRO A 301 10.47 -11.93 -10.69
CA PRO A 301 10.61 -12.86 -9.55
C PRO A 301 11.25 -14.15 -10.03
N VAL A 302 10.70 -14.75 -11.09
CA VAL A 302 11.16 -16.04 -11.62
C VAL A 302 12.54 -15.92 -12.28
CAS 23D B . 8.69 -9.60 -7.98
CAQ 23D B . 9.95 -9.17 -8.38
CL1 23D B . 10.09 -8.51 -10.02
CAP 23D B . 11.05 -9.28 -7.54
CAO 23D B . 10.88 -9.79 -6.27
CAN 23D B . 9.62 -10.22 -5.86
CAM 23D B . 8.52 -10.15 -6.73
N6 23D B . 7.28 -10.37 -6.31
C6 23D B . 6.88 -9.92 -5.09
N1 23D B . 7.64 -9.21 -4.24
C5 23D B . 5.60 -10.29 -4.71
N7 23D B . 4.59 -10.98 -5.27
C8 23D B . 3.56 -11.02 -4.39
N9 23D B . 3.90 -10.38 -3.26
CAZ 23D B . 3.01 -10.19 -2.10
CBA 23D B . 3.03 -11.42 -1.20
C4 23D B . 5.13 -9.88 -3.38
N3 23D B . 5.96 -9.14 -2.58
C2 23D B . 7.20 -8.82 -3.00
N2 23D B . 8.00 -8.10 -2.20
CAG 23D B . 7.50 -7.59 -0.93
CL CL C . 10.23 6.79 6.77
CL CL D . 7.87 -29.18 -12.39
#